data_5Y14
#
_entry.id   5Y14
#
_cell.length_a   50.830
_cell.length_b   36.140
_cell.length_c   53.440
_cell.angle_alpha   90.00
_cell.angle_beta   99.87
_cell.angle_gamma   90.00
#
_symmetry.space_group_name_H-M   'P 1 21 1'
#
loop_
_entity.id
_entity.type
_entity.pdbx_description
1 polymer N44
2 polymer LP-40
3 water water
#
loop_
_entity_poly.entity_id
_entity_poly.type
_entity_poly.pdbx_seq_one_letter_code
_entity_poly.pdbx_strand_id
1 'polypeptide(L)' TVQARQLLSGIVQQQNNLLRAIEAQQHLLQLTVWGIKQLQARIL C,B,A
2 'polypeptide(L)' YTSLIHSLIEESQNQQEKNEQELLELDK F,E,D
#
# COMPACT_ATOMS: atom_id res chain seq x y z
N THR A 1 13.53 -23.46 6.65
CA THR A 1 14.83 -23.23 7.31
C THR A 1 14.83 -21.91 8.07
N VAL A 2 15.82 -21.73 8.96
CA VAL A 2 15.96 -20.45 9.64
C VAL A 2 16.04 -19.32 8.64
N GLN A 3 16.81 -19.52 7.57
CA GLN A 3 16.97 -18.50 6.54
C GLN A 3 15.64 -18.16 5.87
N ALA A 4 14.85 -19.19 5.54
CA ALA A 4 13.58 -18.96 4.90
C ALA A 4 12.61 -18.27 5.83
N ARG A 5 12.63 -18.64 7.12
CA ARG A 5 11.77 -17.97 8.08
C ARG A 5 12.20 -16.54 8.35
N GLN A 6 13.51 -16.25 8.26
CA GLN A 6 13.95 -14.86 8.31
C GLN A 6 13.36 -14.05 7.17
N LEU A 7 13.32 -14.62 5.96
CA LEU A 7 12.71 -13.89 4.84
C LEU A 7 11.21 -13.73 5.03
N LEU A 8 10.52 -14.79 5.45
CA LEU A 8 9.09 -14.68 5.70
C LEU A 8 8.80 -13.63 6.77
N SER A 9 9.60 -13.61 7.83
CA SER A 9 9.44 -12.56 8.83
C SER A 9 9.64 -11.18 8.21
N GLY A 10 10.62 -11.06 7.31
CA GLY A 10 10.82 -9.77 6.66
C GLY A 10 9.65 -9.37 5.78
N ILE A 11 9.03 -10.34 5.13
CA ILE A 11 7.88 -10.08 4.26
C ILE A 11 6.67 -9.64 5.08
N VAL A 12 6.45 -10.30 6.22
CA VAL A 12 5.32 -9.95 7.07
C VAL A 12 5.53 -8.58 7.68
N GLN A 13 6.77 -8.29 8.11
CA GLN A 13 7.05 -6.96 8.62
C GLN A 13 6.85 -5.91 7.55
N GLN A 14 7.25 -6.23 6.32
CA GLN A 14 7.06 -5.30 5.21
C GLN A 14 5.58 -5.03 4.96
N GLN A 15 4.73 -6.06 5.07
CA GLN A 15 3.30 -5.84 4.91
C GLN A 15 2.76 -4.95 6.03
N ASN A 16 3.25 -5.14 7.25
CA ASN A 16 2.84 -4.24 8.33
C ASN A 16 3.29 -2.82 8.04
N ASN A 17 4.51 -2.67 7.53
CA ASN A 17 5.01 -1.36 7.08
C ASN A 17 4.06 -0.73 6.07
N LEU A 18 3.70 -1.49 5.04
CA LEU A 18 2.86 -0.91 3.98
C LEU A 18 1.47 -0.62 4.51
N LEU A 19 0.90 -1.51 5.31
CA LEU A 19 -0.41 -1.25 5.89
C LEU A 19 -0.41 0.01 6.73
N ARG A 20 0.56 0.13 7.65
CA ARG A 20 0.63 1.33 8.48
C ARG A 20 0.82 2.58 7.63
N ALA A 21 1.61 2.46 6.56
CA ALA A 21 1.81 3.60 5.66
C ALA A 21 0.50 4.02 5.02
N ILE A 22 -0.32 3.07 4.55
CA ILE A 22 -1.55 3.47 3.89
C ILE A 22 -2.58 3.96 4.90
N GLU A 23 -2.56 3.43 6.11
CA GLU A 23 -3.44 3.94 7.17
C GLU A 23 -3.15 5.41 7.45
N ALA A 24 -1.86 5.73 7.58
CA ALA A 24 -1.46 7.11 7.83
C ALA A 24 -1.76 7.99 6.63
N GLN A 25 -1.60 7.46 5.41
CA GLN A 25 -1.99 8.21 4.23
C GLN A 25 -3.49 8.47 4.21
N GLN A 26 -4.28 7.48 4.66
CA GLN A 26 -5.73 7.70 4.69
C GLN A 26 -6.11 8.82 5.62
N HIS A 27 -5.40 8.95 6.75
CA HIS A 27 -5.67 10.04 7.67
C HIS A 27 -5.32 11.38 7.05
N LEU A 28 -4.17 11.48 6.37
CA LEU A 28 -3.82 12.72 5.69
C LEU A 28 -4.77 13.01 4.55
N LEU A 29 -5.19 11.98 3.82
CA LEU A 29 -6.11 12.18 2.70
C LEU A 29 -7.47 12.63 3.18
N GLN A 30 -7.92 12.13 4.33
CA GLN A 30 -9.15 12.64 4.93
C GLN A 30 -9.03 14.13 5.22
N LEU A 31 -7.87 14.57 5.70
CA LEU A 31 -7.72 15.99 6.00
C LEU A 31 -7.73 16.83 4.73
N THR A 32 -7.15 16.30 3.64
CA THR A 32 -7.17 17.04 2.37
C THR A 32 -8.55 17.04 1.74
N VAL A 33 -9.31 15.95 1.87
CA VAL A 33 -10.68 15.96 1.39
C VAL A 33 -11.49 17.03 2.11
N TRP A 34 -11.30 17.14 3.43
CA TRP A 34 -12.02 18.16 4.20
C TRP A 34 -11.60 19.56 3.76
N GLY A 35 -10.29 19.77 3.56
CA GLY A 35 -9.83 21.10 3.19
C GLY A 35 -10.36 21.56 1.85
N ILE A 36 -10.34 20.67 0.85
CA ILE A 36 -10.82 21.10 -0.46
C ILE A 36 -12.32 21.32 -0.42
N LYS A 37 -13.06 20.54 0.39
CA LYS A 37 -14.49 20.78 0.48
C LYS A 37 -14.77 22.12 1.13
N GLN A 38 -13.96 22.50 2.13
CA GLN A 38 -14.16 23.75 2.83
C GLN A 38 -13.88 24.93 1.90
N LEU A 39 -12.86 24.79 1.06
CA LEU A 39 -12.52 25.85 0.11
C LEU A 39 -13.51 25.90 -1.04
N GLN A 40 -13.96 24.73 -1.52
CA GLN A 40 -14.98 24.72 -2.57
C GLN A 40 -16.28 25.35 -2.08
N ALA A 41 -16.69 25.04 -0.85
CA ALA A 41 -17.92 25.62 -0.32
C ALA A 41 -17.84 27.14 -0.30
N ARG A 42 -16.65 27.69 -0.03
CA ARG A 42 -16.47 29.13 0.03
C ARG A 42 -16.64 29.80 -1.31
N ILE A 43 -16.31 29.10 -2.40
CA ILE A 43 -16.33 29.68 -3.73
C ILE A 43 -17.57 29.25 -4.48
N LEU A 44 -17.71 27.95 -4.70
CA LEU A 44 -18.74 27.40 -5.56
C LEU A 44 -19.98 27.03 -4.75
N THR B 1 9.70 -24.35 0.87
CA THR B 1 10.18 -25.39 -0.05
C THR B 1 10.62 -24.78 -1.38
N VAL B 2 11.35 -25.57 -2.17
CA VAL B 2 11.80 -25.07 -3.47
C VAL B 2 10.63 -24.96 -4.44
N GLN B 3 9.55 -25.72 -4.23
CA GLN B 3 8.38 -25.57 -5.07
C GLN B 3 7.75 -24.19 -4.93
N ALA B 4 7.96 -23.52 -3.79
CA ALA B 4 7.40 -22.20 -3.54
C ALA B 4 8.32 -21.06 -3.94
N ARG B 5 9.48 -21.36 -4.55
CA ARG B 5 10.44 -20.31 -4.85
C ARG B 5 9.86 -19.29 -5.81
N GLN B 6 9.09 -19.76 -6.80
CA GLN B 6 8.52 -18.82 -7.76
C GLN B 6 7.46 -17.96 -7.11
N LEU B 7 6.61 -18.56 -6.27
CA LEU B 7 5.66 -17.78 -5.50
C LEU B 7 6.36 -16.76 -4.63
N LEU B 8 7.40 -17.17 -3.90
CA LEU B 8 8.09 -16.23 -3.03
C LEU B 8 8.71 -15.08 -3.82
N SER B 9 9.33 -15.37 -4.96
CA SER B 9 9.87 -14.31 -5.80
C SER B 9 8.77 -13.34 -6.22
N GLY B 10 7.60 -13.87 -6.56
CA GLY B 10 6.49 -13.01 -6.96
C GLY B 10 5.93 -12.20 -5.82
N ILE B 11 5.92 -12.77 -4.62
CA ILE B 11 5.50 -12.04 -3.43
C ILE B 11 6.44 -10.86 -3.18
N VAL B 12 7.75 -11.09 -3.24
CA VAL B 12 8.70 -10.00 -3.01
C VAL B 12 8.56 -8.94 -4.08
N GLN B 13 8.37 -9.38 -5.33
CA GLN B 13 8.16 -8.41 -6.41
C GLN B 13 6.88 -7.62 -6.18
N GLN B 14 5.83 -8.30 -5.72
CA GLN B 14 4.57 -7.60 -5.46
C GLN B 14 4.72 -6.58 -4.35
N GLN B 15 5.55 -6.84 -3.36
CA GLN B 15 5.83 -5.82 -2.35
C GLN B 15 6.54 -4.63 -2.97
N ASN B 16 7.51 -4.87 -3.87
CA ASN B 16 8.13 -3.79 -4.64
C ASN B 16 7.06 -2.98 -5.36
N ASN B 17 6.14 -3.65 -6.04
CA ASN B 17 5.11 -2.95 -6.80
C ASN B 17 4.25 -2.09 -5.88
N LEU B 18 3.86 -2.62 -4.72
CA LEU B 18 2.96 -1.88 -3.84
C LEU B 18 3.68 -0.71 -3.17
N LEU B 19 4.93 -0.93 -2.76
CA LEU B 19 5.74 0.15 -2.20
C LEU B 19 5.88 1.31 -3.18
N ARG B 20 6.25 1.01 -4.42
CA ARG B 20 6.39 2.05 -5.42
C ARG B 20 5.08 2.81 -5.63
N ALA B 21 3.95 2.09 -5.65
CA ALA B 21 2.65 2.74 -5.82
C ALA B 21 2.34 3.66 -4.65
N ILE B 22 2.60 3.21 -3.42
CA ILE B 22 2.32 4.03 -2.23
C ILE B 22 3.25 5.24 -2.17
N GLU B 23 4.52 5.05 -2.49
CA GLU B 23 5.44 6.17 -2.59
C GLU B 23 4.92 7.21 -3.57
N ALA B 24 4.49 6.77 -4.75
CA ALA B 24 3.98 7.72 -5.74
C ALA B 24 2.74 8.43 -5.23
N GLN B 25 1.82 7.68 -4.61
CA GLN B 25 0.64 8.32 -4.01
C GLN B 25 1.03 9.30 -2.92
N GLN B 26 2.09 9.03 -2.17
CA GLN B 26 2.51 9.97 -1.13
C GLN B 26 2.95 11.29 -1.72
N HIS B 27 3.71 11.23 -2.81
CA HIS B 27 4.17 12.47 -3.44
C HIS B 27 3.00 13.25 -4.02
N LEU B 28 2.03 12.56 -4.61
CA LEU B 28 0.84 13.25 -5.08
C LEU B 28 0.03 13.85 -3.92
N LEU B 29 -0.06 13.12 -2.80
CA LEU B 29 -0.71 13.68 -1.61
C LEU B 29 0.03 14.92 -1.10
N GLN B 30 1.36 14.91 -1.11
CA GLN B 30 2.10 16.10 -0.71
C GLN B 30 1.77 17.28 -1.61
N LEU B 31 1.64 17.02 -2.92
CA LEU B 31 1.23 18.08 -3.83
C LEU B 31 -0.16 18.59 -3.48
N THR B 32 -1.09 17.66 -3.16
CA THR B 32 -2.44 18.08 -2.80
C THR B 32 -2.44 18.90 -1.51
N VAL B 33 -1.61 18.52 -0.55
CA VAL B 33 -1.50 19.30 0.69
C VAL B 33 -1.11 20.74 0.39
N TRP B 34 -0.05 20.94 -0.41
CA TRP B 34 0.39 22.30 -0.71
C TRP B 34 -0.57 23.04 -1.63
N GLY B 35 -1.26 22.33 -2.52
CA GLY B 35 -2.26 22.98 -3.33
C GLY B 35 -3.37 23.55 -2.48
N ILE B 36 -3.78 22.81 -1.43
CA ILE B 36 -4.83 23.33 -0.56
C ILE B 36 -4.32 24.48 0.31
N LYS B 37 -3.06 24.40 0.76
CA LYS B 37 -2.51 25.51 1.53
C LYS B 37 -2.45 26.78 0.71
N GLN B 38 -2.05 26.67 -0.55
CA GLN B 38 -1.97 27.90 -1.33
C GLN B 38 -3.37 28.40 -1.64
N LEU B 39 -4.33 27.51 -1.90
CA LEU B 39 -5.69 27.96 -2.14
C LEU B 39 -6.28 28.61 -0.91
N GLN B 40 -5.99 28.05 0.28
CA GLN B 40 -6.50 28.66 1.50
C GLN B 40 -5.91 30.04 1.70
N ALA B 41 -4.61 30.20 1.46
CA ALA B 41 -4.00 31.52 1.58
C ALA B 41 -4.65 32.50 0.62
N ARG B 42 -4.96 32.06 -0.59
CA ARG B 42 -5.51 32.98 -1.58
C ARG B 42 -6.98 33.29 -1.31
N ILE B 43 -7.71 32.34 -0.74
CA ILE B 43 -9.14 32.53 -0.52
C ILE B 43 -9.42 33.23 0.81
N LEU B 44 -8.71 32.87 1.87
CA LEU B 44 -8.91 33.45 3.18
C LEU B 44 -7.84 34.48 3.52
N THR C 1 1.79 -31.99 5.63
CA THR C 1 1.40 -30.59 5.45
C THR C 1 2.62 -29.66 5.42
N VAL C 2 2.85 -28.99 4.29
CA VAL C 2 3.98 -28.06 4.24
C VAL C 2 3.74 -26.94 5.23
N GLN C 3 4.72 -26.71 6.12
CA GLN C 3 4.45 -25.92 7.32
C GLN C 3 4.31 -24.44 7.04
N ALA C 4 5.00 -23.92 6.01
CA ALA C 4 4.88 -22.49 5.73
C ALA C 4 3.67 -22.16 4.87
N ARG C 5 2.86 -23.15 4.51
CA ARG C 5 1.84 -22.92 3.49
C ARG C 5 0.77 -21.94 3.94
N GLN C 6 0.30 -22.07 5.19
CA GLN C 6 -0.78 -21.21 5.64
C GLN C 6 -0.31 -19.77 5.76
N LEU C 7 0.93 -19.56 6.18
CA LEU C 7 1.48 -18.21 6.15
C LEU C 7 1.56 -17.67 4.73
N LEU C 8 2.06 -18.47 3.79
CA LEU C 8 2.19 -17.99 2.41
C LEU C 8 0.84 -17.60 1.83
N SER C 9 -0.19 -18.42 2.05
CA SER C 9 -1.52 -18.11 1.56
C SER C 9 -2.01 -16.80 2.14
N GLY C 10 -1.77 -16.58 3.43
CA GLY C 10 -2.20 -15.35 4.06
C GLY C 10 -1.44 -14.14 3.59
N ILE C 11 -0.17 -14.31 3.23
CA ILE C 11 0.60 -13.21 2.67
C ILE C 11 0.05 -12.81 1.31
N VAL C 12 -0.28 -13.81 0.47
CA VAL C 12 -0.86 -13.53 -0.83
C VAL C 12 -2.20 -12.83 -0.66
N GLN C 13 -3.03 -13.33 0.26
CA GLN C 13 -4.29 -12.66 0.53
C GLN C 13 -4.07 -11.22 1.00
N GLN C 14 -3.06 -11.02 1.84
CA GLN C 14 -2.79 -9.67 2.35
C GLN C 14 -2.34 -8.74 1.22
N GLN C 15 -1.61 -9.25 0.23
CA GLN C 15 -1.24 -8.40 -0.90
C GLN C 15 -2.45 -8.02 -1.73
N ASN C 16 -3.42 -8.93 -1.87
CA ASN C 16 -4.68 -8.58 -2.49
C ASN C 16 -5.37 -7.46 -1.71
N ASN C 17 -5.42 -7.61 -0.38
CA ASN C 17 -6.08 -6.62 0.48
C ASN C 17 -5.44 -5.25 0.30
N LEU C 18 -4.11 -5.22 0.33
CA LEU C 18 -3.39 -3.94 0.24
C LEU C 18 -3.56 -3.32 -1.13
N LEU C 19 -3.51 -4.15 -2.19
CA LEU C 19 -3.72 -3.62 -3.55
C LEU C 19 -5.10 -3.00 -3.67
N ARG C 20 -6.13 -3.66 -3.14
CA ARG C 20 -7.49 -3.12 -3.23
C ARG C 20 -7.60 -1.82 -2.45
N ALA C 21 -6.92 -1.73 -1.29
CA ALA C 21 -6.97 -0.50 -0.51
C ALA C 21 -6.25 0.63 -1.23
N ILE C 22 -5.11 0.34 -1.85
CA ILE C 22 -4.37 1.36 -2.61
C ILE C 22 -5.19 1.83 -3.82
N GLU C 23 -5.88 0.90 -4.48
CA GLU C 23 -6.70 1.28 -5.63
C GLU C 23 -7.86 2.17 -5.20
N ALA C 24 -8.48 1.86 -4.05
CA ALA C 24 -9.55 2.70 -3.56
C ALA C 24 -9.02 4.06 -3.12
N GLN C 25 -7.85 4.11 -2.47
CA GLN C 25 -7.27 5.39 -2.10
C GLN C 25 -6.97 6.23 -3.33
N GLN C 26 -6.55 5.59 -4.42
CA GLN C 26 -6.22 6.34 -5.63
C GLN C 26 -7.45 7.03 -6.21
N HIS C 27 -8.61 6.38 -6.13
CA HIS C 27 -9.84 7.03 -6.60
C HIS C 27 -10.14 8.27 -5.78
N LEU C 28 -10.06 8.17 -4.46
CA LEU C 28 -10.32 9.32 -3.61
C LEU C 28 -9.25 10.40 -3.82
N LEU C 29 -8.00 10.00 -4.04
CA LEU C 29 -6.94 10.97 -4.28
C LEU C 29 -7.14 11.71 -5.60
N GLN C 30 -7.49 10.99 -6.67
CA GLN C 30 -7.69 11.64 -7.95
C GLN C 30 -8.92 12.54 -7.93
N LEU C 31 -9.93 12.21 -7.11
CA LEU C 31 -11.04 13.13 -6.91
C LEU C 31 -10.59 14.39 -6.19
N THR C 32 -9.67 14.25 -5.24
CA THR C 32 -9.18 15.41 -4.51
C THR C 32 -8.34 16.30 -5.41
N VAL C 33 -7.49 15.70 -6.24
CA VAL C 33 -6.67 16.46 -7.18
C VAL C 33 -7.55 17.20 -8.18
N TRP C 34 -8.57 16.51 -8.69
CA TRP C 34 -9.48 17.15 -9.64
C TRP C 34 -10.18 18.34 -8.99
N GLY C 35 -10.65 18.18 -7.74
CA GLY C 35 -11.26 19.30 -7.05
C GLY C 35 -10.31 20.47 -6.90
N ILE C 36 -9.05 20.18 -6.58
CA ILE C 36 -8.05 21.26 -6.49
C ILE C 36 -7.86 21.92 -7.85
N LYS C 37 -7.63 21.11 -8.89
CA LYS C 37 -7.40 21.66 -10.22
C LYS C 37 -8.63 22.43 -10.71
N GLN C 38 -9.82 21.96 -10.37
CA GLN C 38 -11.04 22.65 -10.79
C GLN C 38 -11.21 23.98 -10.06
N LEU C 39 -10.91 24.02 -8.76
CA LEU C 39 -11.02 25.28 -8.03
C LEU C 39 -9.99 26.29 -8.54
N GLN C 40 -8.75 25.84 -8.76
CA GLN C 40 -7.70 26.71 -9.28
C GLN C 40 -8.10 27.35 -10.60
N ALA C 41 -8.72 26.58 -11.49
CA ALA C 41 -9.06 27.12 -12.79
C ALA C 41 -10.30 28.01 -12.73
N ARG C 42 -11.18 27.78 -11.75
CA ARG C 42 -12.45 28.48 -11.72
C ARG C 42 -12.42 29.78 -10.92
N ILE C 43 -11.46 29.96 -10.02
CA ILE C 43 -11.45 31.13 -9.15
C ILE C 43 -10.92 32.33 -9.92
N LEU C 44 -11.53 33.48 -9.68
CA LEU C 44 -11.13 34.72 -10.32
C LEU C 44 -10.19 35.51 -9.43
N TYR D 1 -16.20 6.64 -0.79
CA TYR D 1 -14.88 6.04 -0.86
C TYR D 1 -14.25 5.92 0.51
N THR D 2 -14.48 6.92 1.36
CA THR D 2 -13.85 6.92 2.68
C THR D 2 -14.28 5.70 3.49
N SER D 3 -15.59 5.38 3.46
CA SER D 3 -16.03 4.19 4.19
C SER D 3 -15.51 2.92 3.52
N LEU D 4 -15.42 2.91 2.18
CA LEU D 4 -14.92 1.73 1.48
C LEU D 4 -13.46 1.47 1.83
N ILE D 5 -12.64 2.52 1.89
CA ILE D 5 -11.23 2.36 2.22
C ILE D 5 -11.08 1.89 3.66
N HIS D 6 -11.83 2.48 4.57
CA HIS D 6 -11.77 2.05 5.97
C HIS D 6 -12.08 0.58 6.10
N SER D 7 -13.08 0.09 5.35
CA SER D 7 -13.41 -1.32 5.41
C SER D 7 -12.27 -2.19 4.90
N LEU D 8 -11.62 -1.76 3.81
CA LEU D 8 -10.49 -2.50 3.26
C LEU D 8 -9.30 -2.49 4.22
N ILE D 9 -9.02 -1.34 4.82
CA ILE D 9 -7.95 -1.26 5.81
C ILE D 9 -8.22 -2.21 6.97
N GLU D 10 -9.45 -2.19 7.48
CA GLU D 10 -9.79 -3.07 8.61
C GLU D 10 -9.63 -4.54 8.25
N GLU D 11 -10.06 -4.94 7.05
CA GLU D 11 -9.80 -6.30 6.59
C GLU D 11 -8.30 -6.59 6.56
N SER D 12 -7.50 -5.63 6.10
CA SER D 12 -6.05 -5.79 6.12
C SER D 12 -5.50 -5.92 7.54
N GLN D 13 -6.04 -5.14 8.47
CA GLN D 13 -5.60 -5.23 9.86
C GLN D 13 -5.86 -6.61 10.43
N ASN D 14 -7.05 -7.15 10.16
CA ASN D 14 -7.34 -8.51 10.61
C ASN D 14 -6.38 -9.51 9.99
N GLN D 15 -6.15 -9.41 8.68
CA GLN D 15 -5.25 -10.37 8.03
C GLN D 15 -3.82 -10.25 8.53
N GLN D 16 -3.37 -9.02 8.82
CA GLN D 16 -2.03 -8.82 9.35
C GLN D 16 -1.84 -9.52 10.69
N GLU D 17 -2.81 -9.35 11.60
CA GLU D 17 -2.73 -10.04 12.88
C GLU D 17 -2.70 -11.55 12.69
N LYS D 18 -3.45 -12.07 11.72
CA LYS D 18 -3.47 -13.51 11.47
C LYS D 18 -2.13 -13.99 10.94
N ASN D 19 -1.57 -13.27 9.98
CA ASN D 19 -0.27 -13.64 9.44
C ASN D 19 0.81 -13.61 10.51
N GLU D 20 0.75 -12.61 11.40
CA GLU D 20 1.74 -12.56 12.47
C GLU D 20 1.59 -13.74 13.41
N GLN D 21 0.34 -14.15 13.69
CA GLN D 21 0.11 -15.34 14.51
C GLN D 21 0.68 -16.59 13.85
N GLU D 22 0.44 -16.75 12.55
CA GLU D 22 0.95 -17.91 11.83
C GLU D 22 2.48 -17.88 11.75
N LEU D 23 3.07 -16.70 11.65
CA LEU D 23 4.52 -16.60 11.62
C LEU D 23 5.11 -17.11 12.94
N LEU D 24 4.59 -16.61 14.06
CA LEU D 24 5.10 -17.07 15.36
C LEU D 24 4.92 -18.57 15.52
N GLU D 25 3.81 -19.12 15.04
CA GLU D 25 3.59 -20.56 15.14
C GLU D 25 4.55 -21.33 14.24
N LEU D 26 4.92 -20.74 13.10
CA LEU D 26 5.90 -21.36 12.21
C LEU D 26 7.29 -21.36 12.83
N ASP D 27 7.69 -20.25 13.43
CA ASP D 27 8.98 -20.15 14.11
C ASP D 27 9.09 -21.23 15.18
N TYR E 1 1.09 13.81 10.29
CA TYR E 1 0.88 12.59 9.49
C TYR E 1 1.96 12.43 8.44
N THR E 2 2.38 13.56 7.86
CA THR E 2 3.38 13.51 6.80
C THR E 2 4.69 12.90 7.31
N SER E 3 5.10 13.26 8.52
CA SER E 3 6.32 12.67 9.09
C SER E 3 6.12 11.20 9.44
N LEU E 4 4.92 10.82 9.89
CA LEU E 4 4.65 9.42 10.19
C LEU E 4 4.74 8.56 8.92
N ILE E 5 4.20 9.09 7.82
CA ILE E 5 4.20 8.35 6.56
C ILE E 5 5.62 8.20 6.03
N HIS E 6 6.38 9.30 6.03
CA HIS E 6 7.74 9.28 5.51
C HIS E 6 8.62 8.28 6.26
N SER E 7 8.51 8.25 7.60
CA SER E 7 9.31 7.28 8.34
C SER E 7 8.93 5.84 7.99
N LEU E 8 7.63 5.58 7.80
CA LEU E 8 7.21 4.23 7.44
C LEU E 8 7.72 3.84 6.04
N ILE E 9 7.65 4.75 5.07
CA ILE E 9 8.11 4.45 3.72
C ILE E 9 9.62 4.21 3.69
N GLU E 10 10.37 5.02 4.44
CA GLU E 10 11.82 4.83 4.54
C GLU E 10 12.15 3.45 5.09
N GLU E 11 11.48 3.06 6.17
CA GLU E 11 11.65 1.70 6.71
C GLU E 11 11.24 0.66 5.68
N SER E 12 10.13 0.89 4.97
CA SER E 12 9.70 -0.07 3.97
C SER E 12 10.75 -0.19 2.86
N GLN E 13 11.39 0.92 2.50
CA GLN E 13 12.35 0.84 1.41
C GLN E 13 13.57 0.01 1.82
N ASN E 14 14.07 0.19 3.04
CA ASN E 14 15.19 -0.62 3.50
C ASN E 14 14.78 -2.08 3.62
N GLN E 15 13.58 -2.35 4.14
CA GLN E 15 13.13 -3.73 4.24
C GLN E 15 13.02 -4.38 2.86
N GLN E 16 12.62 -3.61 1.84
CA GLN E 16 12.50 -4.19 0.50
C GLN E 16 13.86 -4.65 -0.02
N GLU E 17 14.89 -3.81 0.15
CA GLU E 17 16.25 -4.20 -0.29
C GLU E 17 16.74 -5.42 0.46
N LYS E 18 16.53 -5.43 1.78
CA LYS E 18 16.90 -6.58 2.58
C LYS E 18 16.17 -7.83 2.13
N ASN E 19 14.85 -7.73 1.89
CA ASN E 19 14.09 -8.90 1.48
C ASN E 19 14.54 -9.41 0.12
N GLU E 20 14.83 -8.50 -0.80
CA GLU E 20 15.30 -8.91 -2.12
C GLU E 20 16.67 -9.58 -2.03
N GLN E 21 17.55 -9.05 -1.18
CA GLN E 21 18.85 -9.68 -0.97
C GLN E 21 18.69 -11.08 -0.37
N GLU E 22 17.84 -11.20 0.66
CA GLU E 22 17.68 -12.49 1.32
C GLU E 22 17.06 -13.51 0.37
N LEU E 23 16.14 -13.06 -0.47
CA LEU E 23 15.53 -13.96 -1.44
C LEU E 23 16.59 -14.50 -2.40
N LEU E 24 17.44 -13.61 -2.90
CA LEU E 24 18.48 -14.02 -3.83
C LEU E 24 19.43 -15.02 -3.20
N GLU E 25 19.73 -14.83 -1.91
CA GLU E 25 20.64 -15.70 -1.18
C GLU E 25 20.08 -17.09 -0.94
N LEU E 26 18.77 -17.30 -0.99
CA LEU E 26 18.24 -18.64 -0.77
C LEU E 26 18.66 -19.65 -1.85
N THR F 2 -0.15 10.57 -11.53
CA THR F 2 -1.32 9.70 -11.69
C THR F 2 -1.05 8.63 -12.73
N SER F 3 -0.39 9.04 -13.82
CA SER F 3 -0.06 8.06 -14.85
C SER F 3 0.99 7.09 -14.35
N LEU F 4 1.92 7.56 -13.52
CA LEU F 4 2.88 6.67 -12.88
C LEU F 4 2.17 5.70 -11.95
N ILE F 5 1.18 6.19 -11.19
CA ILE F 5 0.44 5.34 -10.28
C ILE F 5 -0.39 4.32 -11.03
N HIS F 6 -1.09 4.76 -12.09
CA HIS F 6 -1.94 3.85 -12.86
C HIS F 6 -1.14 2.69 -13.44
N SER F 7 0.06 2.98 -13.97
CA SER F 7 0.91 1.92 -14.51
C SER F 7 1.38 0.96 -13.42
N LEU F 8 1.70 1.48 -12.22
CA LEU F 8 2.14 0.60 -11.14
C LEU F 8 1.02 -0.33 -10.67
N ILE F 9 -0.19 0.20 -10.57
CA ILE F 9 -1.34 -0.62 -10.16
C ILE F 9 -1.64 -1.69 -11.22
N GLU F 10 -1.50 -1.33 -12.50
CA GLU F 10 -1.63 -2.32 -13.55
C GLU F 10 -0.61 -3.45 -13.39
N GLU F 11 0.64 -3.10 -13.13
CA GLU F 11 1.64 -4.14 -12.91
C GLU F 11 1.27 -4.96 -11.67
N SER F 12 0.84 -4.31 -10.58
CA SER F 12 0.46 -5.04 -9.37
C SER F 12 -0.68 -6.02 -9.63
N GLN F 13 -1.66 -5.61 -10.45
CA GLN F 13 -2.78 -6.50 -10.72
C GLN F 13 -2.34 -7.75 -11.48
N ASN F 14 -1.46 -7.59 -12.46
CA ASN F 14 -0.92 -8.74 -13.18
C ASN F 14 -0.14 -9.66 -12.25
N GLN F 15 0.71 -9.07 -11.40
CA GLN F 15 1.50 -9.87 -10.48
C GLN F 15 0.62 -10.59 -9.48
N GLN F 16 -0.46 -9.94 -9.03
CA GLN F 16 -1.34 -10.59 -8.08
C GLN F 16 -2.00 -11.82 -8.70
N GLU F 17 -2.42 -11.70 -9.96
CA GLU F 17 -2.96 -12.84 -10.69
C GLU F 17 -1.94 -13.96 -10.82
N LYS F 18 -0.69 -13.63 -11.14
CA LYS F 18 0.35 -14.65 -11.24
C LYS F 18 0.56 -15.35 -9.89
N ASN F 19 0.66 -14.58 -8.81
CA ASN F 19 0.90 -15.19 -7.50
C ASN F 19 -0.26 -16.09 -7.08
N GLU F 20 -1.48 -15.67 -7.38
CA GLU F 20 -2.62 -16.50 -7.02
C GLU F 20 -2.64 -17.80 -7.83
N GLN F 21 -2.29 -17.73 -9.12
CA GLN F 21 -2.14 -18.95 -9.90
C GLN F 21 -1.07 -19.85 -9.31
N GLU F 22 0.07 -19.26 -8.92
CA GLU F 22 1.16 -20.05 -8.36
C GLU F 22 0.77 -20.67 -7.02
N LEU F 23 0.06 -19.92 -6.18
CA LEU F 23 -0.37 -20.45 -4.89
C LEU F 23 -1.32 -21.62 -5.08
N LEU F 24 -2.29 -21.50 -5.98
CA LEU F 24 -3.20 -22.60 -6.23
C LEU F 24 -2.45 -23.83 -6.74
N GLU F 25 -1.50 -23.63 -7.66
CA GLU F 25 -0.75 -24.76 -8.18
C GLU F 25 0.15 -25.37 -7.12
N LEU F 26 0.63 -24.56 -6.18
CA LEU F 26 1.45 -25.09 -5.10
C LEU F 26 0.63 -25.97 -4.18
N ASP F 27 -0.59 -25.53 -3.84
CA ASP F 27 -1.49 -26.30 -2.98
C ASP F 27 -1.87 -27.64 -3.60
#